data_9D16
#
_entry.id   9D16
#
_cell.length_a   77.277
_cell.length_b   90.042
_cell.length_c   109.503
_cell.angle_alpha   90.000
_cell.angle_beta   90.000
_cell.angle_gamma   90.000
#
_symmetry.space_group_name_H-M   'P 21 21 21'
#
loop_
_entity.id
_entity.type
_entity.pdbx_description
1 polymer 'Nuclear elongation and deformation protein'
2 non-polymer 'CALCIUM ION'
3 non-polymer GLYCEROL
4 water water
#
_entity_poly.entity_id   1
_entity_poly.type   'polypeptide(L)'
_entity_poly.pdbx_seq_one_letter_code
;MINGIKNLFSYLFDSKDYSTFSGVVDIIVVRQPDDSLKSMPFHIRFGTLKVLDNQNINIQITVNDKKIEDVFMLMLPEGA
CYFPELNAKNEIQKKLRPSSAILKKFNLKNGYNKIQFIAESDLQGKQLIEGKIYLYNYDTKLVISDVDGTVTKSNVKGHI
STIIGKEWTHDDIAELYTNIQKNGYKMVYLSSRPLYFYNYTQGYLKGIIQNGFTMPDGPILLSPDQIISSLNREVVYKKA
DEFKGALLKDLRRVFPEEVNPIFAGFGNRDTDATACLYAGVIIDNIFIINEQSQVEILGKQEKSSYKKINEKIQELFPRL
P
;
_entity_poly.pdbx_strand_id   A,B
#
loop_
_chem_comp.id
_chem_comp.type
_chem_comp.name
_chem_comp.formula
CA non-polymer 'CALCIUM ION' 'Ca 2'
GOL non-polymer GLYCEROL 'C3 H8 O3'
#
# COMPACT_ATOMS: atom_id res chain seq x y z
N SER A 10 -1.92 9.01 -39.62
CA SER A 10 -1.61 8.00 -40.62
C SER A 10 -0.89 8.61 -41.81
N TYR A 11 -1.50 9.65 -42.40
CA TYR A 11 -0.87 10.38 -43.49
C TYR A 11 0.09 11.46 -43.02
N LEU A 12 0.20 11.66 -41.70
CA LEU A 12 1.11 12.67 -41.18
C LEU A 12 2.56 12.22 -41.32
N PHE A 13 2.88 11.04 -40.77
CA PHE A 13 4.21 10.47 -40.96
C PHE A 13 4.51 10.28 -42.44
N ASP A 14 3.51 9.93 -43.24
CA ASP A 14 3.75 9.61 -44.64
C ASP A 14 4.43 10.76 -45.36
N SER A 15 4.08 12.00 -45.04
CA SER A 15 4.61 13.15 -45.76
C SER A 15 5.36 14.14 -44.87
N LYS A 16 4.80 14.50 -43.71
CA LYS A 16 5.51 15.41 -42.82
C LYS A 16 6.95 14.97 -42.61
N ASP A 17 7.15 13.69 -42.31
CA ASP A 17 8.47 13.06 -42.25
C ASP A 17 9.30 13.53 -41.06
N TYR A 18 8.86 14.59 -40.38
CA TYR A 18 9.56 15.09 -39.20
C TYR A 18 9.02 14.48 -37.91
N SER A 19 8.66 13.19 -37.92
CA SER A 19 8.02 12.56 -36.78
C SER A 19 8.73 11.25 -36.40
N THR A 20 10.06 11.26 -36.38
CA THR A 20 10.78 10.19 -35.69
C THR A 20 10.43 10.26 -34.21
N PHE A 21 10.57 9.13 -33.53
CA PHE A 21 10.09 9.09 -32.16
C PHE A 21 10.99 9.89 -31.23
N SER A 22 10.40 10.88 -30.56
CA SER A 22 11.00 11.54 -29.40
C SER A 22 10.08 11.28 -28.21
N GLY A 23 10.62 10.69 -27.16
CA GLY A 23 9.83 10.41 -25.99
C GLY A 23 10.43 9.26 -25.20
N VAL A 24 9.66 8.81 -24.22
CA VAL A 24 10.10 7.72 -23.35
C VAL A 24 8.93 6.77 -23.15
N VAL A 25 9.23 5.47 -23.17
CA VAL A 25 8.23 4.46 -22.88
C VAL A 25 8.10 4.35 -21.38
N ASP A 26 6.87 4.36 -20.87
CA ASP A 26 6.61 4.33 -19.44
C ASP A 26 7.50 3.30 -18.76
N ILE A 27 8.11 3.71 -17.65
CA ILE A 27 9.10 2.91 -16.94
C ILE A 27 8.45 2.33 -15.69
N ILE A 28 8.81 1.08 -15.37
CA ILE A 28 8.33 0.40 -14.18
C ILE A 28 9.53 0.10 -13.28
N VAL A 29 9.42 0.50 -12.01
CA VAL A 29 10.42 0.22 -10.99
C VAL A 29 9.69 -0.50 -9.87
N VAL A 30 10.39 -1.39 -9.18
CA VAL A 30 9.80 -2.22 -8.14
C VAL A 30 10.73 -2.24 -6.95
N ARG A 31 10.21 -1.95 -5.76
CA ARG A 31 10.98 -2.04 -4.52
C ARG A 31 11.01 -3.48 -4.04
N GLN A 32 12.21 -4.05 -3.93
CA GLN A 32 12.38 -5.41 -3.45
C GLN A 32 12.20 -5.46 -1.94
N PRO A 33 12.04 -6.66 -1.37
CA PRO A 33 11.86 -6.75 0.09
C PRO A 33 13.09 -6.30 0.88
N ASP A 34 14.27 -6.29 0.27
CA ASP A 34 15.46 -5.78 0.94
C ASP A 34 15.68 -4.28 0.72
N ASP A 35 14.70 -3.57 0.18
CA ASP A 35 14.67 -2.13 -0.04
C ASP A 35 15.47 -1.72 -1.28
N SER A 36 16.06 -2.66 -2.01
CA SER A 36 16.70 -2.31 -3.28
C SER A 36 15.63 -2.08 -4.35
N LEU A 37 16.04 -1.49 -5.46
CA LEU A 37 15.16 -1.14 -6.55
C LEU A 37 15.61 -1.85 -7.82
N LYS A 38 14.63 -2.32 -8.60
CA LYS A 38 14.89 -2.98 -9.89
C LYS A 38 13.83 -2.48 -10.86
N SER A 39 14.25 -2.20 -12.09
CA SER A 39 13.39 -1.58 -13.07
C SER A 39 13.43 -2.34 -14.38
N MET A 40 12.39 -2.13 -15.18
CA MET A 40 12.36 -2.61 -16.55
CA MET A 40 12.36 -2.61 -16.54
C MET A 40 13.35 -1.80 -17.37
N PRO A 41 13.69 -2.27 -18.58
CA PRO A 41 14.64 -1.51 -19.41
C PRO A 41 14.12 -0.12 -19.73
N PHE A 42 15.03 0.86 -19.67
CA PHE A 42 14.73 2.21 -20.11
C PHE A 42 14.76 2.29 -21.63
N HIS A 43 13.71 2.86 -22.23
CA HIS A 43 13.65 3.10 -23.67
C HIS A 43 13.26 4.56 -23.88
N ILE A 44 14.25 5.39 -24.18
CA ILE A 44 14.06 6.80 -24.46
C ILE A 44 14.77 7.14 -25.76
N ARG A 45 14.15 7.97 -26.57
CA ARG A 45 14.71 8.41 -27.84
C ARG A 45 14.61 9.92 -27.95
N PHE A 46 15.68 10.53 -28.46
CA PHE A 46 15.70 11.96 -28.74
C PHE A 46 15.59 12.12 -30.25
N GLY A 47 14.49 12.70 -30.70
CA GLY A 47 14.18 12.71 -32.12
C GLY A 47 15.17 13.56 -32.91
N THR A 48 15.66 13.02 -34.02
CA THR A 48 16.52 13.73 -34.96
C THR A 48 17.65 14.46 -34.22
N LEU A 49 18.44 13.68 -33.49
CA LEU A 49 19.64 14.18 -32.82
C LEU A 49 20.83 13.38 -33.32
N LYS A 50 21.84 14.07 -33.85
CA LYS A 50 23.03 13.44 -34.42
C LYS A 50 24.18 13.45 -33.43
N ILE A 57 27.39 13.19 -26.54
CA ILE A 57 26.20 13.71 -25.90
C ILE A 57 25.95 13.04 -24.54
N ASN A 58 25.58 13.84 -23.55
CA ASN A 58 25.13 13.35 -22.27
C ASN A 58 23.68 13.77 -22.05
N ILE A 59 23.00 13.05 -21.15
CA ILE A 59 21.60 13.31 -20.85
C ILE A 59 21.46 13.42 -19.33
N GLN A 60 20.77 14.47 -18.88
CA GLN A 60 20.49 14.67 -17.47
C GLN A 60 19.04 14.30 -17.16
N ILE A 61 18.79 13.97 -15.90
CA ILE A 61 17.50 13.47 -15.47
C ILE A 61 16.96 14.38 -14.38
N THR A 62 15.64 14.55 -14.39
CA THR A 62 14.92 15.32 -13.38
C THR A 62 13.63 14.55 -13.06
N VAL A 63 13.43 14.23 -11.79
CA VAL A 63 12.27 13.45 -11.35
C VAL A 63 11.43 14.32 -10.43
N ASN A 64 10.13 14.41 -10.71
CA ASN A 64 9.19 15.17 -9.89
C ASN A 64 9.71 16.58 -9.65
N ASP A 65 10.17 17.22 -10.73
CA ASP A 65 10.60 18.61 -10.70
C ASP A 65 11.81 18.81 -9.78
N LYS A 66 12.72 17.85 -9.81
CA LYS A 66 13.95 17.92 -9.03
C LYS A 66 15.08 17.29 -9.82
N LYS A 67 16.13 18.06 -10.11
CA LYS A 67 17.26 17.54 -10.86
C LYS A 67 17.96 16.45 -10.06
N ILE A 68 18.45 15.42 -10.77
CA ILE A 68 19.14 14.30 -10.16
C ILE A 68 20.63 14.53 -10.35
N GLU A 69 21.33 14.84 -9.25
CA GLU A 69 22.72 15.24 -9.31
C GLU A 69 23.62 14.02 -9.57
N ASP A 70 24.58 14.20 -10.48
CA ASP A 70 25.62 13.19 -10.72
C ASP A 70 25.04 11.85 -11.18
N VAL A 71 23.96 11.91 -11.93
CA VAL A 71 23.44 10.76 -12.68
C VAL A 71 23.25 11.21 -14.12
N PHE A 72 23.64 10.37 -15.07
CA PHE A 72 23.52 10.76 -16.47
C PHE A 72 23.54 9.53 -17.37
N MET A 73 22.97 9.71 -18.56
CA MET A 73 22.96 8.69 -19.60
C MET A 73 23.72 9.21 -20.83
N LEU A 74 24.13 8.29 -21.68
CA LEU A 74 24.75 8.60 -22.96
C LEU A 74 23.82 8.16 -24.09
N MET A 75 24.14 8.61 -25.29
CA MET A 75 23.39 8.22 -26.48
C MET A 75 24.29 7.52 -27.47
N LEU A 76 23.75 6.50 -28.12
CA LEU A 76 24.42 5.80 -29.21
C LEU A 76 24.07 6.45 -30.54
N PRO A 77 24.88 6.23 -31.56
CA PRO A 77 24.60 6.88 -32.85
C PRO A 77 23.18 6.61 -33.36
N GLU A 78 22.65 5.41 -33.11
CA GLU A 78 21.32 5.07 -33.62
C GLU A 78 20.21 5.82 -32.90
N GLY A 79 20.51 6.46 -31.76
CA GLY A 79 19.54 7.25 -31.03
C GLY A 79 19.17 6.69 -29.67
N ALA A 80 19.39 5.40 -29.44
CA ALA A 80 19.04 4.79 -28.17
C ALA A 80 20.01 5.24 -27.08
N CYS A 81 19.46 5.47 -25.89
CA CYS A 81 20.23 5.94 -24.75
C CYS A 81 20.41 4.81 -23.74
N TYR A 82 21.40 4.98 -22.86
CA TYR A 82 21.77 3.94 -21.92
C TYR A 82 22.50 4.56 -20.74
N PHE A 83 22.70 3.74 -19.70
CA PHE A 83 23.46 4.16 -18.54
C PHE A 83 24.88 3.61 -18.60
N PRO A 84 25.91 4.44 -18.51
CA PRO A 84 27.28 3.92 -18.42
C PRO A 84 27.57 3.42 -17.01
N GLU A 85 27.81 2.13 -16.88
CA GLU A 85 27.95 1.50 -15.57
C GLU A 85 29.07 0.48 -15.63
N LEU A 86 29.95 0.52 -14.63
CA LEU A 86 31.16 -0.29 -14.61
C LEU A 86 30.94 -1.58 -13.83
N ASN A 87 31.58 -2.66 -14.30
CA ASN A 87 31.51 -3.95 -13.63
C ASN A 87 32.72 -4.18 -12.74
N ILE A 92 33.36 -0.62 -18.96
CA ILE A 92 32.11 0.12 -18.96
C ILE A 92 31.09 -0.59 -19.83
N GLN A 93 30.01 -1.09 -19.22
CA GLN A 93 28.92 -1.71 -19.96
C GLN A 93 27.78 -0.71 -20.16
N LYS A 94 27.18 -0.76 -21.35
CA LYS A 94 26.01 0.05 -21.67
C LYS A 94 24.77 -0.68 -21.18
N LYS A 95 24.04 -0.07 -20.26
CA LYS A 95 22.95 -0.73 -19.56
C LYS A 95 21.65 0.03 -19.74
N LEU A 96 20.62 -0.69 -20.22
CA LEU A 96 19.27 -0.17 -20.23
C LEU A 96 18.60 -0.26 -18.86
N ARG A 97 19.09 -1.11 -17.98
CA ARG A 97 18.55 -1.25 -16.63
C ARG A 97 19.52 -0.68 -15.62
N PRO A 98 19.26 0.51 -15.09
CA PRO A 98 20.20 1.10 -14.13
C PRO A 98 20.28 0.30 -12.83
N SER A 99 21.33 0.57 -12.08
CA SER A 99 21.52 -0.11 -10.81
C SER A 99 20.59 0.50 -9.75
N SER A 100 20.44 -0.26 -8.66
CA SER A 100 19.60 0.23 -7.56
C SER A 100 20.15 1.53 -6.97
N ALA A 101 21.47 1.71 -7.01
CA ALA A 101 22.06 2.95 -6.48
C ALA A 101 21.65 4.16 -7.32
N ILE A 102 21.67 4.02 -8.65
CA ILE A 102 21.15 5.09 -9.50
C ILE A 102 19.68 5.35 -9.18
N LEU A 103 18.87 4.29 -9.19
CA LEU A 103 17.43 4.45 -9.02
C LEU A 103 17.09 5.02 -7.65
N LYS A 104 17.90 4.74 -6.62
CA LYS A 104 17.62 5.29 -5.30
C LYS A 104 17.80 6.81 -5.28
N LYS A 105 18.71 7.34 -6.12
CA LYS A 105 18.88 8.78 -6.21
C LYS A 105 17.67 9.48 -6.81
N PHE A 106 16.77 8.75 -7.48
CA PHE A 106 15.59 9.37 -8.05
C PHE A 106 14.62 9.84 -6.96
N ASN A 107 14.68 9.25 -5.77
CA ASN A 107 13.73 9.53 -4.70
C ASN A 107 12.30 9.40 -5.22
N LEU A 108 12.03 8.25 -5.82
CA LEU A 108 10.71 7.99 -6.36
C LEU A 108 9.66 7.88 -5.25
N LYS A 109 8.45 8.29 -5.57
CA LYS A 109 7.28 8.06 -4.74
C LYS A 109 6.48 6.89 -5.30
N ASN A 110 5.69 6.25 -4.44
CA ASN A 110 4.81 5.19 -4.90
C ASN A 110 3.88 5.70 -6.00
N GLY A 111 3.56 4.83 -6.95
CA GLY A 111 2.72 5.19 -8.07
C GLY A 111 3.42 6.03 -9.11
N TYR A 112 2.70 6.98 -9.70
CA TYR A 112 3.21 7.75 -10.81
C TYR A 112 4.24 8.79 -10.35
N ASN A 113 5.32 8.91 -11.14
CA ASN A 113 6.33 9.93 -10.97
C ASN A 113 6.59 10.57 -12.33
N LYS A 114 6.79 11.89 -12.33
CA LYS A 114 7.19 12.59 -13.54
C LYS A 114 8.71 12.50 -13.70
N ILE A 115 9.16 12.14 -14.88
CA ILE A 115 10.59 12.05 -15.19
C ILE A 115 10.85 12.83 -16.47
N GLN A 116 12.00 13.48 -16.53
CA GLN A 116 12.38 14.28 -17.69
C GLN A 116 13.83 13.99 -18.05
N PHE A 117 14.11 13.96 -19.35
CA PHE A 117 15.45 13.74 -19.87
C PHE A 117 15.82 14.93 -20.75
N ILE A 118 17.00 15.50 -20.51
CA ILE A 118 17.50 16.64 -21.27
C ILE A 118 18.80 16.21 -21.92
N ALA A 119 18.81 16.16 -23.24
CA ALA A 119 20.01 15.86 -24.01
C ALA A 119 20.75 17.16 -24.29
N GLU A 120 22.02 17.22 -23.89
CA GLU A 120 22.86 18.41 -24.08
C GLU A 120 23.74 18.18 -25.30
N SER A 121 23.36 18.78 -26.41
CA SER A 121 24.14 18.67 -27.64
C SER A 121 25.17 19.81 -27.72
N GLY A 125 21.52 22.18 -29.43
CA GLY A 125 21.30 22.85 -28.16
C GLY A 125 20.93 21.91 -27.03
N LYS A 126 19.74 22.08 -26.47
CA LYS A 126 19.22 21.23 -25.41
C LYS A 126 17.80 20.81 -25.76
N GLN A 127 17.56 19.50 -25.76
CA GLN A 127 16.26 18.92 -26.10
C GLN A 127 15.69 18.22 -24.89
N LEU A 128 14.38 18.40 -24.67
CA LEU A 128 13.70 17.87 -23.50
C LEU A 128 12.59 16.92 -23.92
N ILE A 129 12.55 15.74 -23.28
CA ILE A 129 11.46 14.80 -23.41
C ILE A 129 10.94 14.47 -22.02
N GLU A 130 9.62 14.47 -21.86
CA GLU A 130 9.00 14.16 -20.59
C GLU A 130 8.41 12.74 -20.63
N GLY A 131 8.34 12.12 -19.46
CA GLY A 131 7.84 10.76 -19.37
C GLY A 131 7.25 10.41 -18.02
N LYS A 132 6.91 9.13 -17.87
CA LYS A 132 6.27 8.58 -16.69
C LYS A 132 7.09 7.40 -16.20
N ILE A 133 7.19 7.28 -14.88
CA ILE A 133 7.99 6.23 -14.24
C ILE A 133 7.25 5.82 -12.97
N TYR A 134 6.87 4.56 -12.88
CA TYR A 134 6.02 4.08 -11.80
C TYR A 134 6.81 3.26 -10.81
N LEU A 135 6.51 3.44 -9.52
CA LEU A 135 7.16 2.69 -8.45
C LEU A 135 6.12 1.78 -7.81
N TYR A 136 6.39 0.48 -7.82
CA TYR A 136 5.52 -0.49 -7.19
C TYR A 136 6.31 -1.18 -6.09
N ASN A 137 5.59 -1.69 -5.10
CA ASN A 137 6.19 -2.55 -4.09
C ASN A 137 6.13 -3.99 -4.59
N TYR A 138 7.05 -4.82 -4.09
CA TYR A 138 7.14 -6.21 -4.55
C TYR A 138 5.86 -7.00 -4.32
N ASP A 139 4.98 -6.53 -3.43
CA ASP A 139 3.71 -7.21 -3.16
C ASP A 139 2.55 -6.57 -3.91
N THR A 140 2.83 -5.72 -4.90
CA THR A 140 1.79 -5.13 -5.72
C THR A 140 1.20 -6.17 -6.65
N LYS A 141 -0.11 -6.08 -6.87
CA LYS A 141 -0.83 -7.02 -7.74
C LYS A 141 -1.28 -6.25 -8.98
N LEU A 142 -0.81 -6.70 -10.14
CA LEU A 142 -1.05 -6.04 -11.42
C LEU A 142 -2.15 -6.76 -12.19
N VAL A 143 -2.85 -6.00 -13.04
CA VAL A 143 -3.85 -6.55 -13.94
C VAL A 143 -3.51 -6.05 -15.34
N ILE A 144 -3.20 -6.99 -16.24
CA ILE A 144 -2.73 -6.68 -17.59
C ILE A 144 -3.94 -6.50 -18.50
N SER A 145 -3.85 -5.54 -19.42
CA SER A 145 -4.88 -5.33 -20.42
C SER A 145 -4.23 -5.02 -21.76
N ASP A 146 -4.36 -5.95 -22.71
CA ASP A 146 -4.08 -5.65 -24.10
C ASP A 146 -4.87 -4.40 -24.47
N VAL A 147 -4.45 -3.71 -25.53
CA VAL A 147 -5.13 -2.50 -26.01
C VAL A 147 -5.93 -2.77 -27.28
N ASP A 148 -5.27 -3.22 -28.34
CA ASP A 148 -5.95 -3.41 -29.61
C ASP A 148 -6.80 -4.68 -29.59
N GLY A 149 -8.09 -4.53 -29.87
CA GLY A 149 -9.03 -5.63 -29.81
C GLY A 149 -9.58 -5.92 -28.43
N THR A 150 -8.92 -5.44 -27.38
CA THR A 150 -9.34 -5.62 -25.99
C THR A 150 -9.96 -4.36 -25.42
N VAL A 151 -9.26 -3.24 -25.53
CA VAL A 151 -9.87 -1.94 -25.22
C VAL A 151 -10.63 -1.43 -26.44
N THR A 152 -9.98 -1.45 -27.60
CA THR A 152 -10.61 -1.03 -28.84
C THR A 152 -11.41 -2.18 -29.45
N LYS A 153 -12.43 -1.81 -30.22
CA LYS A 153 -13.33 -2.77 -30.85
C LYS A 153 -13.12 -2.71 -32.36
N SER A 154 -12.54 -3.77 -32.92
CA SER A 154 -12.28 -3.83 -34.36
C SER A 154 -13.58 -3.81 -35.15
N GLU A 167 -11.48 5.48 -33.18
CA GLU A 167 -11.46 4.11 -32.68
C GLU A 167 -12.57 3.86 -31.67
N TRP A 168 -13.44 2.89 -31.96
CA TRP A 168 -14.48 2.54 -31.01
C TRP A 168 -13.90 1.76 -29.83
N THR A 169 -14.49 1.97 -28.67
CA THR A 169 -14.12 1.25 -27.45
C THR A 169 -15.24 0.29 -27.06
N HIS A 170 -14.86 -0.87 -26.53
CA HIS A 170 -15.84 -1.80 -26.00
C HIS A 170 -16.66 -1.13 -24.92
N ASP A 171 -17.96 -1.43 -24.90
CA ASP A 171 -18.84 -0.83 -23.90
C ASP A 171 -18.45 -1.31 -22.51
N ASP A 172 -18.43 -0.38 -21.57
CA ASP A 172 -18.36 -0.62 -20.12
C ASP A 172 -16.99 -1.00 -19.61
N ILE A 173 -15.93 -0.89 -20.43
CA ILE A 173 -14.61 -1.28 -19.97
C ILE A 173 -14.06 -0.29 -18.95
N ALA A 174 -14.35 1.00 -19.14
CA ALA A 174 -13.79 2.01 -18.24
C ALA A 174 -14.32 1.82 -16.82
N GLU A 175 -15.61 1.52 -16.71
CA GLU A 175 -16.19 1.27 -15.38
C GLU A 175 -15.53 0.07 -14.72
N LEU A 176 -15.44 -1.05 -15.46
CA LEU A 176 -14.83 -2.25 -14.91
C LEU A 176 -13.40 -1.98 -14.45
N TYR A 177 -12.56 -1.46 -15.35
CA TYR A 177 -11.17 -1.20 -14.98
C TYR A 177 -11.07 -0.22 -13.82
N THR A 178 -11.95 0.77 -13.79
CA THR A 178 -11.97 1.72 -12.68
C THR A 178 -12.22 0.99 -11.37
N ASN A 179 -13.26 0.16 -11.34
CA ASN A 179 -13.58 -0.58 -10.12
C ASN A 179 -12.47 -1.56 -9.75
N ILE A 180 -11.82 -2.17 -10.76
CA ILE A 180 -10.67 -3.02 -10.45
C ILE A 180 -9.58 -2.21 -9.77
N GLN A 181 -9.30 -1.01 -10.28
CA GLN A 181 -8.28 -0.17 -9.67
C GLN A 181 -8.67 0.27 -8.26
N LYS A 182 -9.97 0.53 -8.04
CA LYS A 182 -10.42 0.91 -6.72
C LYS A 182 -10.15 -0.19 -5.71
N ASN A 183 -10.30 -1.45 -6.12
CA ASN A 183 -10.10 -2.56 -5.20
C ASN A 183 -8.62 -2.82 -4.89
N GLY A 184 -7.70 -2.00 -5.42
CA GLY A 184 -6.31 -2.06 -5.01
C GLY A 184 -5.35 -2.62 -6.04
N TYR A 185 -5.84 -3.04 -7.21
CA TYR A 185 -4.97 -3.56 -8.26
C TYR A 185 -4.48 -2.42 -9.14
N LYS A 186 -3.36 -2.66 -9.82
CA LYS A 186 -2.74 -1.67 -10.70
C LYS A 186 -2.87 -2.15 -12.14
N MET A 187 -3.67 -1.46 -12.92
CA MET A 187 -3.82 -1.80 -14.34
C MET A 187 -2.54 -1.45 -15.09
N VAL A 188 -2.09 -2.39 -15.92
CA VAL A 188 -0.93 -2.21 -16.79
C VAL A 188 -1.38 -2.48 -18.21
N TYR A 189 -1.21 -1.50 -19.09
CA TYR A 189 -1.66 -1.65 -20.47
C TYR A 189 -0.53 -2.17 -21.35
N LEU A 190 -0.90 -3.00 -22.33
CA LEU A 190 0.04 -3.64 -23.22
C LEU A 190 -0.28 -3.24 -24.65
N SER A 191 0.74 -2.78 -25.38
CA SER A 191 0.60 -2.33 -26.74
C SER A 191 1.64 -2.99 -27.62
N SER A 192 1.24 -3.31 -28.85
CA SER A 192 2.17 -3.82 -29.85
C SER A 192 2.26 -2.87 -31.05
N ARG A 193 1.81 -1.62 -30.88
CA ARG A 193 1.83 -0.64 -31.95
C ARG A 193 3.23 -0.05 -32.12
N PRO A 194 3.59 0.34 -33.34
CA PRO A 194 4.91 0.95 -33.55
C PRO A 194 5.12 2.17 -32.67
N LEU A 195 6.39 2.47 -32.41
CA LEU A 195 6.73 3.52 -31.46
C LEU A 195 6.13 4.86 -31.84
N TYR A 196 6.00 5.15 -33.14
CA TYR A 196 5.49 6.46 -33.53
C TYR A 196 4.01 6.64 -33.17
N PHE A 197 3.32 5.58 -32.74
CA PHE A 197 1.96 5.69 -32.26
C PHE A 197 1.86 5.71 -30.73
N TYR A 198 2.99 5.67 -30.04
CA TYR A 198 2.97 5.54 -28.58
C TYR A 198 2.23 6.71 -27.95
N ASN A 199 2.69 7.94 -28.22
CA ASN A 199 2.04 9.12 -27.64
C ASN A 199 0.56 9.17 -28.02
N TYR A 200 0.25 8.93 -29.30
CA TYR A 200 -1.14 8.84 -29.71
C TYR A 200 -1.91 7.86 -28.82
N THR A 201 -1.31 6.69 -28.57
CA THR A 201 -1.99 5.67 -27.77
C THR A 201 -2.28 6.15 -26.36
N GLN A 202 -1.37 6.96 -25.80
CA GLN A 202 -1.60 7.49 -24.45
C GLN A 202 -2.78 8.46 -24.44
N GLY A 203 -2.93 9.26 -25.49
CA GLY A 203 -4.06 10.16 -25.55
C GLY A 203 -5.39 9.42 -25.64
N TYR A 204 -5.47 8.44 -26.54
CA TYR A 204 -6.72 7.69 -26.72
C TYR A 204 -7.20 7.09 -25.40
N LEU A 205 -6.33 6.38 -24.71
CA LEU A 205 -6.71 5.78 -23.44
C LEU A 205 -7.22 6.84 -22.46
N LYS A 206 -6.50 7.95 -22.35
CA LYS A 206 -6.82 8.98 -21.37
C LYS A 206 -7.99 9.86 -21.79
N GLY A 207 -8.40 9.82 -23.05
CA GLY A 207 -9.57 10.54 -23.49
C GLY A 207 -10.85 9.73 -23.50
N ILE A 208 -10.77 8.44 -23.18
CA ILE A 208 -11.96 7.61 -23.13
C ILE A 208 -12.86 8.07 -22.00
N ILE A 209 -14.15 8.21 -22.29
CA ILE A 209 -15.16 8.50 -21.26
C ILE A 209 -16.40 7.64 -21.56
N GLN A 210 -16.90 6.96 -20.53
CA GLN A 210 -18.07 6.09 -20.67
C GLN A 210 -18.96 6.33 -19.46
N ASN A 211 -20.15 6.89 -19.69
CA ASN A 211 -21.13 7.10 -18.62
C ASN A 211 -20.47 7.74 -17.39
N GLY A 212 -19.50 8.61 -17.64
CA GLY A 212 -18.79 9.30 -16.59
C GLY A 212 -17.51 8.64 -16.12
N PHE A 213 -17.28 7.38 -16.48
CA PHE A 213 -16.08 6.67 -16.07
C PHE A 213 -14.95 6.95 -17.05
N THR A 214 -13.72 6.78 -16.57
CA THR A 214 -12.53 6.95 -17.38
C THR A 214 -11.58 5.78 -17.12
N MET A 215 -10.58 5.65 -17.98
CA MET A 215 -9.62 4.56 -17.85
C MET A 215 -8.61 4.90 -16.76
N PRO A 216 -8.42 4.05 -15.75
CA PRO A 216 -7.44 4.35 -14.70
C PRO A 216 -6.05 4.54 -15.29
N ASP A 217 -5.32 5.50 -14.74
CA ASP A 217 -3.98 5.77 -15.22
C ASP A 217 -3.06 4.60 -14.89
N GLY A 218 -2.22 4.23 -15.86
CA GLY A 218 -1.28 3.15 -15.68
C GLY A 218 -0.28 3.13 -16.81
N PRO A 219 0.85 2.47 -16.60
CA PRO A 219 1.88 2.42 -17.65
C PRO A 219 1.40 1.64 -18.86
N ILE A 220 1.83 2.09 -20.03
CA ILE A 220 1.62 1.38 -21.29
C ILE A 220 2.95 0.74 -21.67
N LEU A 221 3.04 -0.56 -21.49
CA LEU A 221 4.23 -1.30 -21.87
C LEU A 221 4.18 -1.62 -23.36
N LEU A 222 5.35 -1.69 -23.98
CA LEU A 222 5.46 -1.88 -25.42
C LEU A 222 6.11 -3.23 -25.71
N SER A 223 5.49 -3.99 -26.60
CA SER A 223 6.08 -5.22 -27.08
C SER A 223 7.54 -4.99 -27.49
N PRO A 224 8.47 -5.85 -27.08
CA PRO A 224 9.89 -5.58 -27.39
C PRO A 224 10.22 -5.50 -28.87
N ASP A 225 9.37 -6.06 -29.75
CA ASP A 225 9.66 -6.02 -31.18
C ASP A 225 9.52 -4.60 -31.74
N GLN A 226 8.83 -3.70 -31.04
CA GLN A 226 8.66 -2.33 -31.50
C GLN A 226 9.71 -1.37 -30.96
N ILE A 227 10.66 -1.86 -30.17
CA ILE A 227 11.67 -1.00 -29.54
C ILE A 227 13.03 -1.64 -29.68
N ILE A 228 13.43 -1.93 -30.91
CA ILE A 228 14.65 -2.66 -31.19
C ILE A 228 15.83 -1.70 -31.27
N SER A 229 16.96 -2.12 -30.70
CA SER A 229 18.18 -1.34 -30.69
C SER A 229 19.34 -2.27 -30.38
N SER A 230 20.55 -1.81 -30.69
CA SER A 230 21.74 -2.63 -30.47
C SER A 230 21.79 -3.20 -29.06
N LEU A 231 21.29 -2.45 -28.07
CA LEU A 231 21.37 -2.90 -26.69
C LEU A 231 20.38 -3.99 -26.36
N ASN A 232 19.36 -4.21 -27.20
CA ASN A 232 18.35 -5.23 -26.94
C ASN A 232 18.10 -6.12 -28.14
N ARG A 233 18.97 -6.11 -29.16
CA ARG A 233 18.80 -7.01 -30.28
C ARG A 233 18.91 -8.46 -29.88
N GLU A 234 19.73 -8.75 -28.87
CA GLU A 234 20.25 -10.10 -28.66
C GLU A 234 19.13 -11.14 -28.65
N VAL A 235 18.12 -10.95 -27.80
CA VAL A 235 17.08 -11.94 -27.61
C VAL A 235 15.83 -11.59 -28.40
N VAL A 236 15.50 -10.31 -28.53
CA VAL A 236 14.28 -9.93 -29.23
C VAL A 236 14.33 -10.40 -30.69
N TYR A 237 15.49 -10.26 -31.32
CA TYR A 237 15.64 -10.67 -32.72
C TYR A 237 15.25 -12.12 -32.94
N LYS A 238 15.26 -12.93 -31.89
CA LYS A 238 15.08 -14.37 -32.02
C LYS A 238 13.78 -14.83 -31.38
N LYS A 239 12.65 -14.29 -31.84
CA LYS A 239 11.33 -14.67 -31.37
C LYS A 239 10.34 -14.48 -32.51
N ALA A 240 9.07 -14.78 -32.25
CA ALA A 240 8.03 -14.64 -33.28
C ALA A 240 6.70 -14.19 -32.69
N ASP A 241 6.01 -15.09 -32.00
CA ASP A 241 4.80 -14.74 -31.27
C ASP A 241 5.03 -14.75 -29.76
N GLU A 242 6.28 -14.94 -29.33
CA GLU A 242 6.66 -14.92 -27.94
C GLU A 242 7.01 -13.52 -27.45
N PHE A 243 6.76 -12.50 -28.27
CA PHE A 243 7.09 -11.13 -27.87
C PHE A 243 6.26 -10.69 -26.68
N LYS A 244 4.95 -10.98 -26.69
CA LYS A 244 4.12 -10.66 -25.54
C LYS A 244 4.56 -11.46 -24.32
N GLY A 245 4.86 -12.75 -24.49
CA GLY A 245 5.35 -13.55 -23.39
C GLY A 245 6.68 -13.05 -22.86
N ALA A 246 7.60 -12.71 -23.76
CA ALA A 246 8.86 -12.10 -23.36
C ALA A 246 8.62 -10.82 -22.56
N LEU A 247 7.64 -10.01 -22.98
CA LEU A 247 7.33 -8.80 -22.24
C LEU A 247 6.80 -9.14 -20.84
N LEU A 248 5.90 -10.12 -20.76
CA LEU A 248 5.31 -10.45 -19.46
C LEU A 248 6.37 -11.01 -18.51
N LYS A 249 7.39 -11.66 -19.04
CA LYS A 249 8.45 -12.20 -18.19
C LYS A 249 9.53 -11.18 -17.87
N ASP A 250 9.80 -10.25 -18.78
CA ASP A 250 10.59 -9.08 -18.39
C ASP A 250 9.90 -8.33 -17.25
N LEU A 251 8.56 -8.32 -17.25
CA LEU A 251 7.82 -7.69 -16.15
C LEU A 251 7.87 -8.54 -14.89
N ARG A 252 7.79 -9.87 -15.05
CA ARG A 252 7.87 -10.75 -13.89
C ARG A 252 9.21 -10.63 -13.18
N ARG A 253 10.27 -10.33 -13.91
CA ARG A 253 11.62 -10.41 -13.37
C ARG A 253 12.04 -9.18 -12.57
N VAL A 254 11.30 -8.07 -12.66
CA VAL A 254 11.54 -6.97 -11.73
C VAL A 254 10.91 -7.24 -10.36
N PHE A 255 10.20 -8.35 -10.20
CA PHE A 255 9.66 -8.80 -8.93
C PHE A 255 10.48 -9.97 -8.41
N PRO A 256 10.46 -10.23 -7.10
CA PRO A 256 11.12 -11.43 -6.59
C PRO A 256 10.47 -12.69 -7.16
N GLU A 257 11.30 -13.72 -7.37
CA GLU A 257 10.81 -14.94 -8.00
C GLU A 257 9.75 -15.66 -7.18
N GLU A 258 9.59 -15.30 -5.90
CA GLU A 258 8.66 -16.00 -5.02
C GLU A 258 7.31 -15.28 -4.88
N VAL A 259 7.01 -14.34 -5.79
CA VAL A 259 5.70 -13.69 -5.81
C VAL A 259 5.12 -13.83 -7.21
N ASN A 260 3.79 -13.92 -7.27
CA ASN A 260 3.06 -13.91 -8.54
C ASN A 260 2.45 -12.53 -8.71
N PRO A 261 3.14 -11.59 -9.35
CA PRO A 261 2.63 -10.20 -9.41
C PRO A 261 1.49 -10.00 -10.38
N ILE A 262 1.33 -10.86 -11.37
CA ILE A 262 0.29 -10.67 -12.38
C ILE A 262 -0.94 -11.45 -11.95
N PHE A 263 -1.95 -10.73 -11.47
CA PHE A 263 -3.14 -11.35 -10.90
C PHE A 263 -4.11 -11.82 -11.99
N ALA A 264 -4.31 -11.01 -13.02
CA ALA A 264 -5.29 -11.32 -14.06
C ALA A 264 -4.87 -10.66 -15.37
N GLY A 265 -5.44 -11.16 -16.46
CA GLY A 265 -5.11 -10.61 -17.77
C GLY A 265 -6.32 -10.42 -18.67
N PHE A 266 -6.36 -9.30 -19.39
CA PHE A 266 -7.40 -9.04 -20.37
C PHE A 266 -6.79 -8.99 -21.77
N GLY A 267 -7.36 -9.77 -22.68
CA GLY A 267 -6.90 -9.82 -24.05
C GLY A 267 -8.03 -10.11 -25.01
N ASN A 268 -7.69 -10.35 -26.27
CA ASN A 268 -8.71 -10.64 -27.29
C ASN A 268 -8.30 -11.75 -28.24
N ARG A 269 -7.07 -12.27 -28.18
CA ARG A 269 -6.63 -13.37 -29.01
C ARG A 269 -6.17 -14.50 -28.10
N ASP A 270 -6.23 -15.73 -28.62
CA ASP A 270 -5.72 -16.86 -27.85
C ASP A 270 -4.23 -16.73 -27.57
N THR A 271 -3.51 -15.97 -28.39
CA THR A 271 -2.10 -15.73 -28.09
C THR A 271 -1.96 -14.91 -26.81
N ASP A 272 -2.94 -14.07 -26.49
CA ASP A 272 -2.92 -13.36 -25.22
C ASP A 272 -3.07 -14.33 -24.04
N ALA A 273 -4.00 -15.28 -24.15
CA ALA A 273 -4.18 -16.25 -23.08
C ALA A 273 -2.93 -17.10 -22.90
N THR A 274 -2.30 -17.50 -24.00
CA THR A 274 -1.08 -18.31 -23.90
C THR A 274 0.02 -17.57 -23.17
N ALA A 275 0.19 -16.27 -23.45
CA ALA A 275 1.19 -15.50 -22.75
C ALA A 275 0.84 -15.36 -21.27
N CYS A 276 -0.43 -15.07 -20.96
CA CYS A 276 -0.84 -14.98 -19.57
C CYS A 276 -0.58 -16.30 -18.84
N LEU A 277 -0.87 -17.42 -19.50
CA LEU A 277 -0.70 -18.72 -18.87
C LEU A 277 0.76 -18.99 -18.55
N TYR A 278 1.65 -18.74 -19.53
CA TYR A 278 3.08 -18.99 -19.30
C TYR A 278 3.69 -18.01 -18.32
N ALA A 279 3.03 -16.89 -18.05
CA ALA A 279 3.50 -15.89 -17.11
C ALA A 279 3.00 -16.12 -15.70
N GLY A 280 2.26 -17.20 -15.46
CA GLY A 280 1.83 -17.55 -14.13
C GLY A 280 0.43 -17.12 -13.73
N VAL A 281 -0.33 -16.50 -14.63
CA VAL A 281 -1.70 -16.12 -14.32
C VAL A 281 -2.57 -17.38 -14.30
N ILE A 282 -3.33 -17.55 -13.22
CA ILE A 282 -4.21 -18.72 -13.14
C ILE A 282 -5.26 -18.62 -14.24
N ILE A 283 -5.71 -19.78 -14.73
CA ILE A 283 -6.60 -19.78 -15.89
C ILE A 283 -7.94 -19.12 -15.60
N ASP A 284 -8.35 -19.07 -14.31
CA ASP A 284 -9.61 -18.45 -13.96
C ASP A 284 -9.58 -16.93 -14.08
N ASN A 285 -8.38 -16.33 -14.12
CA ASN A 285 -8.23 -14.88 -14.18
C ASN A 285 -7.79 -14.39 -15.54
N ILE A 286 -8.08 -15.16 -16.59
CA ILE A 286 -7.73 -14.80 -17.95
C ILE A 286 -9.04 -14.55 -18.70
N PHE A 287 -9.19 -13.35 -19.24
CA PHE A 287 -10.38 -12.91 -19.93
C PHE A 287 -10.03 -12.59 -21.38
N ILE A 288 -10.75 -13.20 -22.31
CA ILE A 288 -10.49 -13.03 -23.74
C ILE A 288 -11.79 -12.60 -24.40
N ILE A 289 -11.79 -11.41 -24.96
CA ILE A 289 -12.97 -10.86 -25.62
C ILE A 289 -12.87 -11.15 -27.11
N ASN A 290 -14.03 -11.30 -27.74
CA ASN A 290 -14.09 -11.60 -29.16
C ASN A 290 -14.72 -10.43 -29.91
N GLU A 291 -15.12 -10.69 -31.16
CA GLU A 291 -15.57 -9.63 -32.06
C GLU A 291 -16.86 -8.97 -31.55
N GLN A 292 -17.83 -9.77 -31.07
CA GLN A 292 -19.07 -9.20 -30.56
C GLN A 292 -19.01 -8.88 -29.07
N SER A 293 -17.82 -8.62 -28.52
CA SER A 293 -17.67 -8.17 -27.15
C SER A 293 -18.09 -9.21 -26.12
N GLN A 294 -17.98 -10.49 -26.46
CA GLN A 294 -18.24 -11.56 -25.51
C GLN A 294 -16.94 -11.91 -24.80
N VAL A 295 -16.92 -11.79 -23.49
CA VAL A 295 -15.73 -12.05 -22.69
C VAL A 295 -15.82 -13.47 -22.14
N GLU A 296 -14.90 -14.33 -22.59
CA GLU A 296 -14.81 -15.69 -22.08
C GLU A 296 -13.86 -15.70 -20.89
N ILE A 297 -14.35 -16.15 -19.73
CA ILE A 297 -13.51 -16.37 -18.56
C ILE A 297 -13.00 -17.80 -18.68
N LEU A 298 -11.73 -17.93 -19.10
CA LEU A 298 -11.23 -19.22 -19.57
C LEU A 298 -11.44 -20.33 -18.54
N GLY A 299 -11.09 -20.08 -17.28
CA GLY A 299 -11.17 -21.12 -16.27
C GLY A 299 -12.59 -21.59 -16.00
N LYS A 300 -13.56 -20.70 -16.12
CA LYS A 300 -14.96 -21.02 -15.83
C LYS A 300 -15.74 -21.48 -17.05
N GLN A 301 -15.14 -21.44 -18.23
CA GLN A 301 -15.85 -21.76 -19.47
C GLN A 301 -17.17 -21.01 -19.52
N GLU A 302 -17.13 -19.76 -19.06
CA GLU A 302 -18.30 -18.89 -18.95
C GLU A 302 -18.15 -17.74 -19.93
N LYS A 303 -19.19 -17.51 -20.74
CA LYS A 303 -19.25 -16.35 -21.62
C LYS A 303 -19.89 -15.20 -20.84
N SER A 304 -19.22 -14.06 -20.83
CA SER A 304 -19.63 -12.95 -19.98
C SER A 304 -19.39 -11.66 -20.75
N SER A 305 -19.31 -10.55 -20.01
CA SER A 305 -19.10 -9.23 -20.59
C SER A 305 -18.43 -8.36 -19.55
N TYR A 306 -17.88 -7.23 -20.01
CA TYR A 306 -17.34 -6.25 -19.07
C TYR A 306 -18.40 -5.82 -18.08
N LYS A 307 -19.64 -5.65 -18.53
CA LYS A 307 -20.74 -5.29 -17.63
C LYS A 307 -20.95 -6.35 -16.57
N LYS A 308 -21.10 -7.61 -16.98
CA LYS A 308 -21.37 -8.68 -16.02
C LYS A 308 -20.15 -8.93 -15.13
N ILE A 309 -18.94 -8.84 -15.68
CA ILE A 309 -17.75 -9.00 -14.87
C ILE A 309 -17.68 -7.90 -13.81
N ASN A 310 -18.14 -6.70 -14.15
CA ASN A 310 -18.13 -5.60 -13.17
C ASN A 310 -19.14 -5.83 -12.05
N GLU A 311 -20.29 -6.43 -12.38
CA GLU A 311 -21.27 -6.76 -11.34
C GLU A 311 -20.67 -7.70 -10.29
N LYS A 312 -19.79 -8.60 -10.72
CA LYS A 312 -19.11 -9.55 -9.83
C LYS A 312 -17.69 -9.10 -9.49
N ILE A 313 -17.43 -7.80 -9.48
CA ILE A 313 -16.09 -7.28 -9.29
C ILE A 313 -15.49 -7.82 -7.98
N GLN A 314 -16.30 -7.89 -6.93
CA GLN A 314 -15.80 -8.28 -5.62
C GLN A 314 -15.53 -9.78 -5.51
N GLU A 315 -16.18 -10.58 -6.35
CA GLU A 315 -15.94 -12.02 -6.43
C GLU A 315 -14.76 -12.34 -7.34
N LEU A 316 -14.63 -11.61 -8.45
CA LEU A 316 -13.57 -11.84 -9.42
C LEU A 316 -12.31 -11.02 -9.12
N PHE A 317 -12.46 -9.84 -8.52
CA PHE A 317 -11.33 -8.98 -8.17
C PHE A 317 -11.52 -8.51 -6.74
N PRO A 318 -11.39 -9.43 -5.77
CA PRO A 318 -11.71 -9.07 -4.38
C PRO A 318 -10.81 -7.95 -3.85
N ARG A 319 -11.40 -7.06 -3.08
CA ARG A 319 -10.67 -5.92 -2.54
C ARG A 319 -9.43 -6.36 -1.78
N LEU A 320 -8.33 -5.69 -2.03
CA LEU A 320 -7.09 -6.02 -1.34
C LEU A 320 -6.99 -5.25 -0.02
N PRO A 321 -6.40 -5.85 1.01
CA PRO A 321 -6.31 -5.15 2.32
C PRO A 321 -5.36 -3.98 2.26
N LEU B 12 -23.14 -5.60 38.17
CA LEU B 12 -22.47 -6.79 38.67
C LEU B 12 -20.98 -6.74 38.37
N PHE B 13 -20.51 -5.58 37.91
CA PHE B 13 -19.12 -5.45 37.46
C PHE B 13 -18.16 -5.49 38.65
N ASP B 14 -18.50 -4.79 39.74
CA ASP B 14 -17.71 -4.80 40.94
C ASP B 14 -18.15 -5.85 41.95
N SER B 15 -19.04 -6.77 41.57
CA SER B 15 -19.57 -7.77 42.49
C SER B 15 -19.11 -9.18 42.18
N LYS B 16 -19.04 -9.56 40.91
CA LYS B 16 -18.75 -10.92 40.50
C LYS B 16 -17.31 -11.10 40.00
N ASP B 17 -16.43 -10.16 40.33
CA ASP B 17 -15.04 -10.20 39.87
C ASP B 17 -14.95 -10.29 38.35
N TYR B 18 -15.83 -9.58 37.65
CA TYR B 18 -15.64 -9.40 36.21
C TYR B 18 -14.61 -8.31 35.90
N SER B 19 -14.09 -7.62 36.93
CA SER B 19 -13.02 -6.65 36.69
C SER B 19 -11.87 -7.29 35.93
N THR B 20 -11.55 -8.54 36.27
CA THR B 20 -10.49 -9.27 35.57
C THR B 20 -10.78 -9.28 34.08
N PHE B 21 -9.76 -8.93 33.30
CA PHE B 21 -9.90 -8.78 31.87
C PHE B 21 -9.51 -10.08 31.17
N SER B 22 -10.35 -10.52 30.25
CA SER B 22 -10.05 -11.64 29.37
C SER B 22 -10.04 -11.09 27.94
N GLY B 23 -8.86 -11.05 27.33
CA GLY B 23 -8.75 -10.55 25.98
C GLY B 23 -7.34 -10.08 25.68
N VAL B 24 -7.21 -9.46 24.52
CA VAL B 24 -5.92 -9.01 23.99
C VAL B 24 -6.09 -7.57 23.52
N VAL B 25 -5.14 -6.72 23.89
CA VAL B 25 -5.12 -5.37 23.35
C VAL B 25 -4.64 -5.46 21.91
N ASP B 26 -5.31 -4.73 21.01
CA ASP B 26 -4.96 -4.77 19.60
C ASP B 26 -3.45 -4.56 19.45
N ILE B 27 -2.83 -5.39 18.63
CA ILE B 27 -1.38 -5.40 18.45
C ILE B 27 -1.05 -4.72 17.14
N ILE B 28 0.05 -3.96 17.12
CA ILE B 28 0.54 -3.29 15.92
C ILE B 28 1.91 -3.84 15.58
N VAL B 29 2.06 -4.30 14.34
CA VAL B 29 3.31 -4.79 13.78
C VAL B 29 3.61 -3.94 12.55
N VAL B 30 4.90 -3.73 12.29
CA VAL B 30 5.31 -2.84 11.20
C VAL B 30 6.45 -3.49 10.43
N ARG B 31 6.30 -3.59 9.11
CA ARG B 31 7.32 -4.11 8.23
C ARG B 31 8.42 -3.08 8.05
N GLN B 32 9.64 -3.42 8.46
CA GLN B 32 10.77 -2.53 8.28
C GLN B 32 11.26 -2.62 6.83
N PRO B 33 12.04 -1.63 6.38
CA PRO B 33 12.48 -1.64 4.97
C PRO B 33 13.42 -2.78 4.64
N ASP B 34 14.07 -3.39 5.63
CA ASP B 34 14.89 -4.59 5.41
C ASP B 34 14.10 -5.88 5.53
N ASP B 35 12.76 -5.79 5.56
CA ASP B 35 11.83 -6.91 5.57
C ASP B 35 11.71 -7.56 6.95
N SER B 36 12.47 -7.12 7.95
CA SER B 36 12.26 -7.62 9.30
C SER B 36 10.98 -7.02 9.88
N LEU B 37 10.61 -7.51 11.06
CA LEU B 37 9.36 -7.10 11.68
C LEU B 37 9.58 -6.61 13.10
N LYS B 38 8.84 -5.57 13.48
CA LYS B 38 8.80 -5.05 14.83
C LYS B 38 7.34 -4.92 15.23
N SER B 39 7.08 -5.13 16.52
CA SER B 39 5.73 -5.01 17.05
C SER B 39 5.75 -4.16 18.32
N MET B 40 4.60 -3.57 18.62
CA MET B 40 4.36 -3.01 19.93
CA MET B 40 4.35 -3.01 19.94
C MET B 40 4.23 -4.14 20.95
N PRO B 41 4.32 -3.84 22.24
CA PRO B 41 4.27 -4.93 23.23
C PRO B 41 2.93 -5.66 23.21
N PHE B 42 3.02 -6.99 23.34
CA PHE B 42 1.82 -7.82 23.45
C PHE B 42 1.25 -7.70 24.86
N HIS B 43 -0.05 -7.43 24.97
CA HIS B 43 -0.75 -7.41 26.26
C HIS B 43 -1.97 -8.30 26.17
N ILE B 44 -1.91 -9.46 26.79
CA ILE B 44 -3.00 -10.43 26.79
C ILE B 44 -3.15 -10.98 28.20
N ARG B 45 -4.39 -11.13 28.64
CA ARG B 45 -4.69 -11.70 29.94
C ARG B 45 -5.81 -12.71 29.78
N PHE B 46 -5.67 -13.86 30.46
CA PHE B 46 -6.65 -14.94 30.40
C PHE B 46 -7.68 -14.85 31.51
N GLY B 47 -8.02 -13.64 31.95
CA GLY B 47 -8.97 -13.44 33.02
C GLY B 47 -8.65 -14.29 34.22
N THR B 48 -9.70 -14.66 34.95
CA THR B 48 -9.56 -15.60 36.05
C THR B 48 -8.91 -16.88 35.53
N LEU B 49 -7.68 -17.15 35.94
CA LEU B 49 -6.96 -18.34 35.51
C LEU B 49 -5.64 -18.47 36.27
N LYS B 50 -5.38 -19.64 36.84
CA LYS B 50 -4.14 -19.88 37.58
C LYS B 50 -3.87 -21.37 37.70
N ILE B 57 2.14 -22.78 32.81
CA ILE B 57 1.21 -22.97 31.71
C ILE B 57 1.86 -22.54 30.39
N ASN B 58 1.50 -23.22 29.31
CA ASN B 58 1.90 -22.83 27.96
C ASN B 58 0.74 -22.13 27.27
N ILE B 59 1.07 -21.33 26.25
CA ILE B 59 0.08 -20.62 25.48
C ILE B 59 0.36 -20.84 24.01
N GLN B 60 -0.62 -21.36 23.28
CA GLN B 60 -0.52 -21.61 21.85
C GLN B 60 -1.17 -20.45 21.09
N ILE B 61 -0.69 -20.23 19.87
CA ILE B 61 -1.11 -19.08 19.07
C ILE B 61 -1.61 -19.57 17.73
N THR B 62 -2.69 -18.94 17.25
CA THR B 62 -3.21 -19.14 15.92
C THR B 62 -3.47 -17.77 15.29
N VAL B 63 -3.00 -17.57 14.06
CA VAL B 63 -3.18 -16.32 13.33
C VAL B 63 -4.02 -16.62 12.10
N ASN B 64 -5.13 -15.89 11.95
CA ASN B 64 -6.09 -16.14 10.88
C ASN B 64 -6.49 -17.61 10.85
N ASP B 65 -6.71 -18.19 12.03
CA ASP B 65 -7.19 -19.55 12.19
C ASP B 65 -6.20 -20.54 11.56
N LYS B 66 -4.99 -20.58 12.12
CA LYS B 66 -3.95 -21.48 11.64
C LYS B 66 -2.89 -21.57 12.72
N LYS B 67 -2.57 -22.81 13.14
CA LYS B 67 -1.57 -23.00 14.18
C LYS B 67 -0.24 -22.36 13.78
N ILE B 68 0.42 -21.75 14.76
CA ILE B 68 1.77 -21.23 14.58
C ILE B 68 2.72 -22.16 15.32
N GLU B 69 3.25 -23.17 14.63
CA GLU B 69 4.09 -24.15 15.28
C GLU B 69 5.40 -23.53 15.74
N ASP B 70 5.94 -24.05 16.84
CA ASP B 70 7.22 -23.66 17.41
C ASP B 70 7.19 -22.29 18.06
N VAL B 71 6.01 -21.72 18.28
CA VAL B 71 5.86 -20.45 18.98
C VAL B 71 4.96 -20.69 20.19
N PHE B 72 5.40 -20.22 21.35
CA PHE B 72 4.62 -20.35 22.57
C PHE B 72 4.93 -19.19 23.49
N MET B 73 3.97 -18.86 24.35
CA MET B 73 4.16 -17.92 25.43
C MET B 73 3.96 -18.63 26.75
N LEU B 74 4.45 -18.03 27.82
CA LEU B 74 4.23 -18.49 29.18
C LEU B 74 3.43 -17.44 29.93
N MET B 75 3.13 -17.75 31.19
CA MET B 75 2.28 -16.89 32.01
C MET B 75 2.92 -16.68 33.37
N LEU B 76 2.81 -15.47 33.88
CA LEU B 76 3.27 -15.13 35.21
C LEU B 76 2.14 -15.35 36.21
N PRO B 77 2.47 -15.50 37.49
CA PRO B 77 1.41 -15.70 38.51
C PRO B 77 0.34 -14.62 38.46
N GLU B 78 0.70 -13.38 38.12
CA GLU B 78 -0.28 -12.30 38.04
C GLU B 78 -1.15 -12.38 36.80
N GLY B 79 -0.91 -13.34 35.92
CA GLY B 79 -1.70 -13.50 34.72
C GLY B 79 -1.11 -12.86 33.48
N ALA B 80 -0.01 -12.13 33.61
CA ALA B 80 0.65 -11.52 32.47
C ALA B 80 1.45 -12.57 31.71
N CYS B 81 1.34 -12.55 30.39
CA CYS B 81 2.00 -13.50 29.52
C CYS B 81 3.14 -12.83 28.76
N TYR B 82 4.12 -13.64 28.36
CA TYR B 82 5.30 -13.11 27.72
C TYR B 82 5.87 -14.15 26.77
N PHE B 83 6.72 -13.69 25.85
CA PHE B 83 7.51 -14.58 25.02
C PHE B 83 8.84 -14.84 25.72
N PRO B 84 9.18 -16.11 26.02
CA PRO B 84 10.50 -16.39 26.60
C PRO B 84 11.54 -16.47 25.50
N GLU B 85 12.56 -15.61 25.60
CA GLU B 85 13.57 -15.49 24.56
C GLU B 85 14.95 -15.58 25.18
N LEU B 86 15.81 -16.39 24.57
CA LEU B 86 17.16 -16.63 25.07
C LEU B 86 18.13 -15.64 24.44
N ASN B 87 18.90 -14.95 25.27
CA ASN B 87 19.95 -14.06 24.78
C ASN B 87 21.23 -14.86 24.54
N ALA B 88 22.28 -14.17 24.10
CA ALA B 88 23.56 -14.84 23.92
C ALA B 88 24.03 -15.46 25.23
N LYS B 89 23.83 -14.75 26.35
CA LYS B 89 24.16 -15.29 27.66
C LYS B 89 23.30 -16.50 28.03
N ASN B 90 22.23 -16.77 27.29
CA ASN B 90 21.30 -17.84 27.62
C ASN B 90 20.72 -17.66 29.02
N GLU B 91 20.18 -16.45 29.26
CA GLU B 91 19.65 -16.08 30.55
C GLU B 91 18.12 -16.08 30.60
N ILE B 92 17.47 -16.30 29.46
CA ILE B 92 16.01 -16.35 29.36
C ILE B 92 15.42 -15.01 29.79
N GLN B 93 15.05 -14.20 28.81
CA GLN B 93 14.41 -12.91 29.05
C GLN B 93 12.91 -13.03 28.82
N LYS B 94 12.13 -12.35 29.66
CA LYS B 94 10.68 -12.33 29.56
C LYS B 94 10.29 -11.10 28.76
N LYS B 95 10.01 -11.29 27.47
CA LYS B 95 9.79 -10.19 26.55
C LYS B 95 8.33 -10.09 26.15
N LEU B 96 7.81 -8.86 26.13
CA LEU B 96 6.50 -8.56 25.59
C LEU B 96 6.53 -8.22 24.11
N ARG B 97 7.72 -8.03 23.53
CA ARG B 97 7.87 -7.77 22.10
C ARG B 97 8.59 -8.95 21.46
N PRO B 98 7.89 -9.86 20.78
CA PRO B 98 8.56 -11.00 20.17
C PRO B 98 9.55 -10.55 19.10
N SER B 99 10.54 -11.39 18.85
CA SER B 99 11.56 -11.08 17.85
C SER B 99 10.94 -11.13 16.45
N SER B 100 11.69 -10.59 15.48
CA SER B 100 11.21 -10.59 14.10
C SER B 100 11.03 -12.02 13.59
N ALA B 101 11.94 -12.92 13.97
CA ALA B 101 11.81 -14.31 13.54
C ALA B 101 10.49 -14.91 14.01
N ILE B 102 10.12 -14.65 15.27
CA ILE B 102 8.82 -15.10 15.77
C ILE B 102 7.69 -14.47 14.96
N LEU B 103 7.73 -13.14 14.80
CA LEU B 103 6.64 -12.46 14.11
C LEU B 103 6.55 -12.89 12.65
N LYS B 104 7.68 -13.25 12.03
CA LYS B 104 7.62 -13.74 10.65
C LYS B 104 6.90 -15.07 10.57
N LYS B 105 6.94 -15.86 11.66
CA LYS B 105 6.23 -17.13 11.68
C LYS B 105 4.72 -16.96 11.62
N PHE B 106 4.22 -15.76 11.94
CA PHE B 106 2.78 -15.54 11.99
C PHE B 106 2.13 -15.55 10.62
N ASN B 107 2.90 -15.29 9.56
CA ASN B 107 2.35 -15.17 8.21
C ASN B 107 1.20 -14.17 8.18
N LEU B 108 1.48 -12.97 8.66
CA LEU B 108 0.48 -11.92 8.72
C LEU B 108 0.23 -11.35 7.33
N LYS B 109 -1.03 -10.99 7.08
CA LYS B 109 -1.37 -10.17 5.91
C LYS B 109 -1.30 -8.69 6.30
N ASN B 110 -1.28 -7.83 5.29
CA ASN B 110 -1.35 -6.41 5.53
C ASN B 110 -2.72 -6.04 6.07
N GLY B 111 -2.74 -5.14 7.06
CA GLY B 111 -3.98 -4.72 7.66
C GLY B 111 -4.46 -5.64 8.77
N TYR B 112 -5.77 -5.81 8.89
CA TYR B 112 -6.33 -6.59 9.99
C TYR B 112 -5.97 -8.06 9.88
N ASN B 113 -5.71 -8.68 11.03
CA ASN B 113 -5.52 -10.12 11.13
C ASN B 113 -6.18 -10.60 12.42
N LYS B 114 -6.84 -11.76 12.34
CA LYS B 114 -7.40 -12.39 13.53
C LYS B 114 -6.33 -13.20 14.24
N ILE B 115 -6.26 -13.06 15.57
CA ILE B 115 -5.27 -13.76 16.37
C ILE B 115 -5.98 -14.35 17.59
N GLN B 116 -5.56 -15.55 17.98
CA GLN B 116 -6.13 -16.23 19.13
C GLN B 116 -5.00 -16.84 19.97
N PHE B 117 -5.18 -16.79 21.28
CA PHE B 117 -4.24 -17.35 22.24
C PHE B 117 -4.97 -18.43 23.01
N ILE B 118 -4.28 -19.54 23.27
CA ILE B 118 -4.89 -20.72 23.90
C ILE B 118 -3.98 -21.19 25.02
N ALA B 119 -4.49 -21.13 26.26
CA ALA B 119 -3.77 -21.59 27.44
C ALA B 119 -4.13 -23.05 27.68
N GLU B 120 -3.25 -23.96 27.29
CA GLU B 120 -3.48 -25.38 27.53
C GLU B 120 -3.26 -25.67 29.02
N SER B 121 -4.35 -25.87 29.75
CA SER B 121 -4.29 -26.15 31.18
C SER B 121 -4.12 -27.66 31.41
N GLY B 125 -9.57 -26.56 31.19
CA GLY B 125 -9.22 -27.14 29.91
C GLY B 125 -8.37 -26.22 29.05
N LYS B 126 -8.82 -25.95 27.83
CA LYS B 126 -8.14 -25.04 26.92
C LYS B 126 -8.95 -23.75 26.87
N GLN B 127 -8.39 -22.68 27.42
CA GLN B 127 -9.04 -21.37 27.45
C GLN B 127 -8.54 -20.54 26.28
N LEU B 128 -9.47 -20.04 25.48
CA LEU B 128 -9.15 -19.26 24.29
C LEU B 128 -9.52 -17.79 24.53
N ILE B 129 -8.64 -16.89 24.12
CA ILE B 129 -8.95 -15.48 23.98
C ILE B 129 -8.65 -15.08 22.55
N GLU B 130 -9.49 -14.24 21.98
CA GLU B 130 -9.38 -13.79 20.60
C GLU B 130 -9.05 -12.30 20.56
N GLY B 131 -8.30 -11.91 19.53
CA GLY B 131 -7.89 -10.53 19.42
C GLY B 131 -7.60 -10.15 17.98
N LYS B 132 -6.99 -8.97 17.83
CA LYS B 132 -6.69 -8.39 16.52
C LYS B 132 -5.22 -7.98 16.50
N ILE B 133 -4.59 -8.15 15.34
CA ILE B 133 -3.19 -7.79 15.16
C ILE B 133 -3.06 -7.21 13.76
N TYR B 134 -2.55 -5.99 13.67
CA TYR B 134 -2.48 -5.24 12.43
C TYR B 134 -1.05 -5.20 11.92
N LEU B 135 -0.89 -5.28 10.59
CA LEU B 135 0.41 -5.20 9.96
C LEU B 135 0.44 -3.97 9.05
N TYR B 136 1.42 -3.11 9.27
CA TYR B 136 1.61 -1.93 8.45
C TYR B 136 3.00 -1.99 7.82
N ASN B 137 3.18 -1.23 6.75
CA ASN B 137 4.49 -1.08 6.15
C ASN B 137 5.16 0.15 6.75
N TYR B 138 6.49 0.17 6.69
CA TYR B 138 7.25 1.26 7.31
C TYR B 138 6.82 2.63 6.78
N ASP B 139 6.26 2.67 5.57
CA ASP B 139 5.84 3.92 4.96
C ASP B 139 4.35 4.18 5.12
N THR B 140 3.71 3.54 6.09
CA THR B 140 2.28 3.72 6.33
C THR B 140 2.03 4.98 7.15
N LYS B 141 1.01 5.73 6.76
CA LYS B 141 0.66 6.99 7.41
C LYS B 141 -0.55 6.78 8.32
N LEU B 142 -0.35 6.99 9.61
CA LEU B 142 -1.40 6.82 10.61
C LEU B 142 -2.06 8.15 10.93
N VAL B 143 -3.31 8.09 11.35
CA VAL B 143 -4.03 9.24 11.89
C VAL B 143 -4.59 8.85 13.25
N ILE B 144 -4.16 9.55 14.28
CA ILE B 144 -4.49 9.23 15.66
C ILE B 144 -5.78 9.91 16.05
N SER B 145 -6.59 9.23 16.86
CA SER B 145 -7.84 9.81 17.35
C SER B 145 -8.09 9.37 18.77
N ASP B 146 -8.13 10.33 19.69
CA ASP B 146 -8.68 10.09 21.02
C ASP B 146 -10.12 9.59 20.87
N VAL B 147 -10.62 8.97 21.93
CA VAL B 147 -11.97 8.44 21.95
C VAL B 147 -12.90 9.31 22.81
N ASP B 148 -12.60 9.44 24.10
CA ASP B 148 -13.46 10.15 25.02
C ASP B 148 -13.33 11.66 24.84
N GLY B 149 -14.46 12.33 24.63
CA GLY B 149 -14.48 13.74 24.32
C GLY B 149 -14.19 14.08 22.88
N THR B 150 -13.54 13.19 22.14
CA THR B 150 -13.19 13.40 20.74
C THR B 150 -14.13 12.66 19.80
N VAL B 151 -14.30 11.35 20.00
CA VAL B 151 -15.40 10.65 19.34
C VAL B 151 -16.69 10.83 20.12
N THR B 152 -16.62 10.69 21.44
CA THR B 152 -17.78 10.87 22.30
C THR B 152 -17.91 12.35 22.68
N LYS B 153 -19.13 12.73 23.03
CA LYS B 153 -19.47 14.11 23.37
C LYS B 153 -19.51 14.24 24.89
N SER B 154 -18.64 15.08 25.44
CA SER B 154 -18.61 15.31 26.88
C SER B 154 -19.75 16.22 27.31
N GLY B 165 -23.18 2.93 28.39
CA GLY B 165 -24.20 3.13 27.38
C GLY B 165 -24.62 4.58 27.26
N LYS B 166 -25.60 4.85 26.39
CA LYS B 166 -26.08 6.19 26.14
C LYS B 166 -24.94 7.19 26.01
N GLU B 167 -23.90 6.82 25.27
CA GLU B 167 -22.79 7.73 24.98
C GLU B 167 -23.08 8.49 23.70
N TRP B 168 -23.03 9.83 23.79
CA TRP B 168 -23.29 10.66 22.63
C TRP B 168 -22.05 10.77 21.77
N THR B 169 -22.24 10.81 20.45
CA THR B 169 -21.16 10.91 19.49
C THR B 169 -21.26 12.24 18.76
N HIS B 170 -20.10 12.84 18.48
CA HIS B 170 -20.05 14.07 17.73
C HIS B 170 -20.57 13.84 16.31
N ASP B 171 -21.26 14.86 15.78
CA ASP B 171 -21.84 14.74 14.45
C ASP B 171 -20.74 14.68 13.39
N ASP B 172 -20.95 13.83 12.39
CA ASP B 172 -20.19 13.76 11.15
C ASP B 172 -18.82 13.15 11.32
N ILE B 173 -18.45 12.70 12.51
CA ILE B 173 -17.11 12.13 12.69
C ILE B 173 -16.95 10.86 11.85
N ALA B 174 -17.96 9.99 11.86
CA ALA B 174 -17.84 8.74 11.11
C ALA B 174 -17.59 8.98 9.63
N GLU B 175 -18.24 10.00 9.07
CA GLU B 175 -18.04 10.32 7.66
C GLU B 175 -16.60 10.78 7.43
N LEU B 176 -16.13 11.73 8.23
CA LEU B 176 -14.77 12.24 8.07
C LEU B 176 -13.76 11.10 8.15
N TYR B 177 -13.77 10.37 9.26
CA TYR B 177 -12.82 9.27 9.43
C TYR B 177 -12.94 8.26 8.29
N THR B 178 -14.16 8.05 7.79
CA THR B 178 -14.32 7.15 6.65
C THR B 178 -13.61 7.72 5.42
N ASN B 179 -13.73 9.02 5.19
CA ASN B 179 -13.07 9.63 4.04
C ASN B 179 -11.56 9.67 4.22
N ILE B 180 -11.11 9.91 5.45
CA ILE B 180 -9.66 9.86 5.73
C ILE B 180 -9.13 8.48 5.40
N GLN B 181 -9.79 7.44 5.89
CA GLN B 181 -9.33 6.09 5.62
C GLN B 181 -9.37 5.77 4.13
N LYS B 182 -10.34 6.36 3.41
CA LYS B 182 -10.45 6.09 1.98
C LYS B 182 -9.34 6.77 1.18
N ASN B 183 -8.72 7.82 1.72
CA ASN B 183 -7.61 8.48 1.05
C ASN B 183 -6.26 7.82 1.34
N GLY B 184 -6.25 6.70 2.06
CA GLY B 184 -5.05 5.90 2.24
C GLY B 184 -4.47 5.91 3.64
N TYR B 185 -5.02 6.70 4.55
CA TYR B 185 -4.50 6.77 5.90
C TYR B 185 -5.16 5.70 6.76
N LYS B 186 -4.47 5.31 7.83
CA LYS B 186 -4.95 4.29 8.76
C LYS B 186 -5.34 4.98 10.06
N MET B 187 -6.63 4.96 10.38
CA MET B 187 -7.08 5.50 11.66
C MET B 187 -6.62 4.58 12.79
N VAL B 188 -6.10 5.20 13.86
CA VAL B 188 -5.68 4.49 15.06
C VAL B 188 -6.32 5.18 16.26
N TYR B 189 -7.04 4.42 17.08
CA TYR B 189 -7.77 4.98 18.20
C TYR B 189 -6.96 4.87 19.48
N LEU B 190 -7.08 5.88 20.33
CA LEU B 190 -6.37 5.93 21.59
C LEU B 190 -7.38 6.00 22.73
N SER B 191 -7.21 5.14 23.71
CA SER B 191 -8.10 5.08 24.86
C SER B 191 -7.27 5.12 26.14
N SER B 192 -7.79 5.82 27.14
CA SER B 192 -7.25 5.76 28.49
C SER B 192 -8.21 5.08 29.45
N ARG B 193 -9.28 4.47 28.93
CA ARG B 193 -10.24 3.77 29.76
C ARG B 193 -9.59 2.55 30.42
N PRO B 194 -10.16 2.07 31.53
CA PRO B 194 -9.56 0.92 32.22
C PRO B 194 -9.71 -0.33 31.38
N LEU B 195 -8.86 -1.32 31.68
CA LEU B 195 -8.80 -2.51 30.85
C LEU B 195 -10.12 -3.27 30.86
N TYR B 196 -10.87 -3.20 31.96
CA TYR B 196 -12.13 -3.93 32.01
C TYR B 196 -13.22 -3.29 31.16
N PHE B 197 -12.96 -2.12 30.55
CA PHE B 197 -13.88 -1.51 29.61
C PHE B 197 -13.42 -1.67 28.16
N TYR B 198 -12.28 -2.34 27.93
CA TYR B 198 -11.68 -2.36 26.61
C TYR B 198 -12.61 -3.01 25.58
N ASN B 199 -13.12 -4.21 25.89
CA ASN B 199 -14.00 -4.88 24.94
C ASN B 199 -15.28 -4.08 24.70
N TYR B 200 -15.77 -3.38 25.73
CA TYR B 200 -16.92 -2.51 25.54
C TYR B 200 -16.60 -1.37 24.60
N THR B 201 -15.43 -0.74 24.78
CA THR B 201 -15.02 0.35 23.90
C THR B 201 -14.98 -0.12 22.45
N GLN B 202 -14.50 -1.33 22.21
CA GLN B 202 -14.47 -1.86 20.85
C GLN B 202 -15.90 -2.00 20.30
N GLY B 203 -16.83 -2.42 21.14
CA GLY B 203 -18.21 -2.52 20.69
C GLY B 203 -18.86 -1.18 20.43
N TYR B 204 -18.55 -0.18 21.26
CA TYR B 204 -19.12 1.14 21.09
C TYR B 204 -18.74 1.72 19.73
N LEU B 205 -17.43 1.81 19.45
CA LEU B 205 -16.97 2.34 18.17
C LEU B 205 -17.52 1.52 17.02
N LYS B 206 -17.31 0.20 17.08
CA LYS B 206 -17.85 -0.73 16.08
C LYS B 206 -19.33 -0.52 15.84
N GLY B 207 -20.08 -0.16 16.89
CA GLY B 207 -21.50 0.04 16.77
C GLY B 207 -21.97 1.38 16.30
N ILE B 208 -21.07 2.33 16.09
CA ILE B 208 -21.45 3.68 15.68
C ILE B 208 -21.97 3.65 14.26
N ILE B 209 -23.09 4.34 14.02
CA ILE B 209 -23.63 4.55 12.67
C ILE B 209 -24.18 5.96 12.61
N GLN B 210 -23.74 6.73 11.61
CA GLN B 210 -24.20 8.11 11.41
C GLN B 210 -24.53 8.30 9.93
N ASN B 211 -25.81 8.54 9.64
CA ASN B 211 -26.26 8.79 8.27
C ASN B 211 -25.67 7.77 7.30
N GLY B 212 -25.53 6.53 7.76
CA GLY B 212 -25.01 5.45 6.95
C GLY B 212 -23.53 5.20 7.06
N PHE B 213 -22.78 6.07 7.73
CA PHE B 213 -21.34 5.92 7.86
C PHE B 213 -20.99 5.21 9.15
N THR B 214 -19.94 4.39 9.12
CA THR B 214 -19.43 3.72 10.30
C THR B 214 -17.97 4.13 10.52
N MET B 215 -17.48 3.84 11.73
CA MET B 215 -16.10 4.16 12.07
C MET B 215 -15.18 3.17 11.36
N PRO B 216 -14.15 3.63 10.64
CA PRO B 216 -13.22 2.68 10.02
C PRO B 216 -12.61 1.77 11.07
N ASP B 217 -12.43 0.50 10.69
CA ASP B 217 -11.82 -0.45 11.60
C ASP B 217 -10.35 -0.11 11.78
N GLY B 218 -9.90 -0.10 13.03
CA GLY B 218 -8.52 0.16 13.34
C GLY B 218 -8.19 -0.20 14.77
N PRO B 219 -6.90 -0.35 15.06
CA PRO B 219 -6.49 -0.73 16.42
C PRO B 219 -6.88 0.34 17.44
N ILE B 220 -7.26 -0.11 18.63
CA ILE B 220 -7.46 0.74 19.79
C ILE B 220 -6.28 0.52 20.71
N LEU B 221 -5.38 1.49 20.75
CA LEU B 221 -4.25 1.42 21.66
C LEU B 221 -4.67 1.95 23.03
N LEU B 222 -3.98 1.46 24.06
CA LEU B 222 -4.34 1.73 25.43
C LEU B 222 -3.19 2.44 26.12
N SER B 223 -3.52 3.49 26.85
CA SER B 223 -2.52 4.19 27.65
C SER B 223 -1.80 3.20 28.56
N PRO B 224 -0.47 3.28 28.66
CA PRO B 224 0.26 2.27 29.45
C PRO B 224 -0.06 2.29 30.93
N ASP B 225 -0.69 3.33 31.47
CA ASP B 225 -1.05 3.32 32.87
C ASP B 225 -2.17 2.35 33.18
N GLN B 226 -2.86 1.84 32.15
CA GLN B 226 -3.95 0.90 32.33
C GLN B 226 -3.53 -0.56 32.16
N ILE B 227 -2.27 -0.81 31.85
CA ILE B 227 -1.81 -2.18 31.60
C ILE B 227 -0.57 -2.52 32.42
N ILE B 228 -0.53 -2.06 33.67
CA ILE B 228 0.69 -2.21 34.46
C ILE B 228 0.84 -3.66 34.89
N SER B 229 2.04 -4.19 34.72
CA SER B 229 2.39 -5.54 35.14
C SER B 229 3.82 -5.50 35.67
N SER B 230 4.40 -6.67 35.90
CA SER B 230 5.80 -6.73 36.31
C SER B 230 6.73 -6.46 35.14
N LEU B 231 6.28 -6.74 33.92
CA LEU B 231 7.06 -6.55 32.70
C LEU B 231 6.87 -5.18 32.09
N ASN B 232 5.85 -4.44 32.52
CA ASN B 232 5.54 -3.11 32.03
C ASN B 232 5.52 -2.17 33.23
N ARG B 233 6.59 -2.15 34.01
CA ARG B 233 6.63 -1.41 35.26
C ARG B 233 7.77 -0.42 35.34
N GLU B 234 9.00 -0.85 35.03
CA GLU B 234 10.17 0.00 35.18
C GLU B 234 9.92 1.43 34.70
N VAL B 235 9.33 1.55 33.51
CA VAL B 235 9.17 2.87 32.90
C VAL B 235 7.82 3.50 33.24
N VAL B 236 6.76 2.69 33.27
CA VAL B 236 5.41 3.25 33.36
C VAL B 236 5.03 3.70 34.75
N TYR B 237 5.78 3.32 35.79
CA TYR B 237 5.46 3.70 37.15
C TYR B 237 6.21 4.95 37.59
N LYS B 238 6.54 5.84 36.64
CA LYS B 238 7.32 7.03 36.92
C LYS B 238 6.83 8.20 36.07
N LYS B 239 5.52 8.28 35.87
CA LYS B 239 4.95 9.32 35.03
C LYS B 239 3.58 9.72 35.58
N ALA B 240 2.96 10.70 34.93
CA ALA B 240 1.64 11.19 35.34
C ALA B 240 1.09 12.13 34.27
N ASP B 241 0.13 11.65 33.47
CA ASP B 241 -0.38 12.31 32.28
C ASP B 241 0.66 12.38 31.17
N GLU B 242 1.87 11.88 31.40
CA GLU B 242 2.86 11.65 30.35
C GLU B 242 2.68 10.27 29.71
N PHE B 243 1.57 9.60 30.03
CA PHE B 243 1.31 8.26 29.52
C PHE B 243 0.84 8.29 28.07
N LYS B 244 -0.05 9.22 27.73
CA LYS B 244 -0.42 9.38 26.33
C LYS B 244 0.81 9.63 25.47
N GLY B 245 1.77 10.37 26.02
CA GLY B 245 3.02 10.58 25.32
C GLY B 245 3.87 9.32 25.24
N ALA B 246 4.05 8.63 26.35
CA ALA B 246 4.85 7.40 26.26
C ALA B 246 4.28 6.44 25.23
N LEU B 247 2.96 6.48 24.99
CA LEU B 247 2.34 5.53 24.07
C LEU B 247 2.64 5.89 22.62
N LEU B 248 2.46 7.16 22.26
CA LEU B 248 2.65 7.54 20.86
C LEU B 248 4.10 7.45 20.41
N LYS B 249 5.05 7.47 21.35
CA LYS B 249 6.44 7.28 20.95
C LYS B 249 6.74 5.80 20.82
N ASP B 250 6.28 4.98 21.77
CA ASP B 250 6.31 3.53 21.54
C ASP B 250 5.73 3.20 20.16
N LEU B 251 4.64 3.87 19.80
CA LEU B 251 4.07 3.69 18.46
C LEU B 251 5.00 4.25 17.40
N ARG B 252 5.43 5.51 17.57
CA ARG B 252 6.29 6.14 16.56
C ARG B 252 7.58 5.38 16.33
N ARG B 253 8.06 4.61 17.31
CA ARG B 253 9.36 3.99 17.23
C ARG B 253 9.34 2.56 16.71
N VAL B 254 8.16 2.00 16.41
CA VAL B 254 8.13 0.74 15.67
C VAL B 254 8.34 0.96 14.18
N PHE B 255 8.41 2.23 13.74
CA PHE B 255 8.78 2.63 12.39
C PHE B 255 10.22 3.12 12.36
N PRO B 256 10.86 3.14 11.20
CA PRO B 256 12.24 3.65 11.14
C PRO B 256 12.32 5.13 11.53
N GLU B 257 13.49 5.52 12.04
CA GLU B 257 13.69 6.90 12.46
C GLU B 257 13.64 7.88 11.29
N GLU B 258 13.73 7.40 10.06
CA GLU B 258 13.78 8.29 8.90
C GLU B 258 12.42 8.56 8.28
N VAL B 259 11.33 8.05 8.87
CA VAL B 259 9.98 8.40 8.49
C VAL B 259 9.25 8.83 9.75
N ASN B 260 8.30 9.75 9.61
CA ASN B 260 7.39 10.04 10.72
C ASN B 260 6.02 9.51 10.35
N PRO B 261 5.55 8.43 10.98
CA PRO B 261 4.33 7.78 10.50
C PRO B 261 3.04 8.44 10.93
N ILE B 262 3.10 9.33 11.91
CA ILE B 262 1.89 9.93 12.48
C ILE B 262 1.64 11.23 11.73
N PHE B 263 0.67 11.18 10.82
CA PHE B 263 0.42 12.30 9.91
C PHE B 263 -0.45 13.37 10.58
N ALA B 264 -1.43 12.94 11.38
CA ALA B 264 -2.34 13.88 12.02
C ALA B 264 -2.86 13.27 13.30
N GLY B 265 -3.47 14.11 14.13
CA GLY B 265 -4.02 13.66 15.39
C GLY B 265 -5.29 14.39 15.78
N PHE B 266 -6.27 13.65 16.30
CA PHE B 266 -7.53 14.22 16.76
C PHE B 266 -7.66 14.06 18.26
N GLY B 267 -7.86 15.17 18.96
CA GLY B 267 -8.01 15.14 20.41
C GLY B 267 -9.03 16.14 20.91
N ASN B 268 -9.10 16.32 22.22
CA ASN B 268 -10.09 17.22 22.81
C ASN B 268 -9.55 17.96 24.01
N ARG B 269 -8.29 17.77 24.39
CA ARG B 269 -7.66 18.49 25.48
C ARG B 269 -6.31 19.00 25.00
N ASP B 270 -5.81 20.04 25.67
CA ASP B 270 -4.51 20.59 25.32
C ASP B 270 -3.41 19.54 25.46
N THR B 271 -3.56 18.61 26.39
CA THR B 271 -2.56 17.55 26.52
C THR B 271 -2.51 16.67 25.28
N ASP B 272 -3.64 16.47 24.60
CA ASP B 272 -3.63 15.67 23.37
C ASP B 272 -2.73 16.30 22.32
N ALA B 273 -2.83 17.63 22.14
CA ALA B 273 -1.99 18.29 21.14
C ALA B 273 -0.51 18.19 21.53
N THR B 274 -0.20 18.41 22.81
CA THR B 274 1.18 18.28 23.27
C THR B 274 1.75 16.90 22.95
N ALA B 275 0.96 15.85 23.19
CA ALA B 275 1.44 14.50 22.90
C ALA B 275 1.69 14.33 21.41
N CYS B 276 0.79 14.83 20.56
CA CYS B 276 1.00 14.77 19.12
C CYS B 276 2.25 15.54 18.73
N LEU B 277 2.45 16.72 19.32
CA LEU B 277 3.58 17.55 18.93
C LEU B 277 4.90 16.85 19.21
N TYR B 278 5.00 16.16 20.36
CA TYR B 278 6.24 15.46 20.70
C TYR B 278 6.43 14.17 19.90
N ALA B 279 5.40 13.71 19.21
CA ALA B 279 5.50 12.49 18.41
C ALA B 279 5.74 12.77 16.94
N GLY B 280 5.94 14.03 16.57
CA GLY B 280 6.28 14.41 15.21
C GLY B 280 5.12 14.88 14.36
N VAL B 281 3.92 15.01 14.94
CA VAL B 281 2.79 15.54 14.16
C VAL B 281 2.98 17.03 13.98
N ILE B 282 3.00 17.49 12.73
CA ILE B 282 3.17 18.92 12.49
C ILE B 282 1.98 19.66 13.08
N ILE B 283 2.25 20.87 13.60
CA ILE B 283 1.24 21.62 14.33
C ILE B 283 0.01 21.92 13.50
N ASP B 284 0.15 21.92 12.16
CA ASP B 284 -1.01 22.17 11.30
C ASP B 284 -1.94 20.98 11.19
N ASN B 285 -1.48 19.78 11.58
CA ASN B 285 -2.28 18.57 11.48
C ASN B 285 -2.78 18.10 12.84
N ILE B 286 -2.97 19.02 13.78
CA ILE B 286 -3.45 18.72 15.12
C ILE B 286 -4.82 19.36 15.29
N PHE B 287 -5.85 18.53 15.45
CA PHE B 287 -7.22 18.98 15.59
C PHE B 287 -7.69 18.73 17.02
N ILE B 288 -8.24 19.77 17.65
CA ILE B 288 -8.70 19.69 19.02
C ILE B 288 -10.12 20.22 19.07
N ILE B 289 -11.05 19.42 19.58
CA ILE B 289 -12.47 19.74 19.64
C ILE B 289 -12.84 20.13 21.06
N ASN B 290 -13.76 21.07 21.21
CA ASN B 290 -14.18 21.59 22.50
C ASN B 290 -15.60 21.13 22.82
N GLU B 291 -16.26 21.84 23.74
CA GLU B 291 -17.57 21.39 24.22
C GLU B 291 -18.58 21.29 23.08
N GLN B 292 -18.79 22.40 22.36
CA GLN B 292 -19.83 22.47 21.36
C GLN B 292 -19.45 21.81 20.03
N SER B 293 -18.45 20.94 20.02
CA SER B 293 -18.01 20.30 18.79
C SER B 293 -17.35 21.30 17.84
N GLN B 294 -16.61 22.24 18.40
CA GLN B 294 -15.84 23.22 17.65
C GLN B 294 -14.41 22.72 17.55
N VAL B 295 -13.97 22.42 16.33
CA VAL B 295 -12.68 21.80 16.09
C VAL B 295 -11.69 22.88 15.68
N GLU B 296 -10.64 23.07 16.48
CA GLU B 296 -9.58 24.02 16.17
C GLU B 296 -8.42 23.30 15.49
N ILE B 297 -8.07 23.76 14.29
CA ILE B 297 -6.86 23.31 13.60
C ILE B 297 -5.70 24.11 14.18
N LEU B 298 -4.92 23.46 15.07
CA LEU B 298 -4.01 24.18 15.95
C LEU B 298 -3.06 25.10 15.18
N GLY B 299 -2.46 24.59 14.10
CA GLY B 299 -1.47 25.38 13.40
C GLY B 299 -2.05 26.60 12.72
N LYS B 300 -3.26 26.49 12.19
CA LYS B 300 -3.89 27.59 11.48
C LYS B 300 -4.76 28.47 12.38
N GLN B 301 -4.71 28.25 13.71
CA GLN B 301 -5.62 28.90 14.65
C GLN B 301 -6.99 29.12 13.98
N GLU B 302 -7.53 28.05 13.39
CA GLU B 302 -8.78 28.10 12.63
C GLU B 302 -9.86 27.31 13.35
N LYS B 303 -11.04 27.92 13.51
CA LYS B 303 -12.20 27.24 14.06
C LYS B 303 -12.92 26.51 12.93
N SER B 304 -13.26 25.25 13.17
CA SER B 304 -13.86 24.44 12.11
C SER B 304 -14.75 23.37 12.75
N SER B 305 -15.01 22.30 12.02
CA SER B 305 -15.89 21.23 12.44
C SER B 305 -15.56 19.98 11.64
N TYR B 306 -16.02 18.83 12.15
CA TYR B 306 -15.84 17.60 11.39
C TYR B 306 -16.50 17.71 10.02
N LYS B 307 -17.70 18.30 9.95
CA LYS B 307 -18.37 18.51 8.67
C LYS B 307 -17.52 19.40 7.76
N LYS B 308 -17.10 20.57 8.28
CA LYS B 308 -16.29 21.47 7.48
C LYS B 308 -14.95 20.82 7.10
N ILE B 309 -14.33 20.12 8.05
CA ILE B 309 -13.06 19.45 7.75
C ILE B 309 -13.24 18.38 6.69
N ASN B 310 -14.42 17.76 6.64
CA ASN B 310 -14.67 16.73 5.64
C ASN B 310 -14.82 17.35 4.25
N GLU B 311 -15.41 18.54 4.17
CA GLU B 311 -15.54 19.22 2.88
C GLU B 311 -14.18 19.48 2.25
N LYS B 312 -13.20 19.90 3.05
CA LYS B 312 -11.84 20.14 2.57
C LYS B 312 -10.94 18.93 2.81
N ILE B 313 -11.40 17.73 2.47
CA ILE B 313 -10.67 16.52 2.83
C ILE B 313 -9.33 16.45 2.11
N GLN B 314 -9.27 16.93 0.86
CA GLN B 314 -8.01 16.80 0.12
C GLN B 314 -6.99 17.85 0.56
N GLU B 315 -7.43 19.09 0.79
CA GLU B 315 -6.52 20.09 1.32
C GLU B 315 -5.78 19.55 2.54
N LEU B 316 -6.48 18.83 3.41
CA LEU B 316 -5.98 18.45 4.73
C LEU B 316 -5.50 17.02 4.79
N PHE B 317 -6.18 16.10 4.11
CA PHE B 317 -5.78 14.70 4.06
C PHE B 317 -5.67 14.28 2.60
N PRO B 318 -4.70 14.83 1.89
CA PRO B 318 -4.57 14.53 0.45
C PRO B 318 -4.43 13.04 0.19
N ARG B 319 -5.06 12.58 -0.90
CA ARG B 319 -5.07 11.16 -1.24
C ARG B 319 -3.64 10.65 -1.44
N LEU B 320 -3.33 9.53 -0.81
CA LEU B 320 -1.98 9.00 -0.87
C LEU B 320 -1.79 8.15 -2.11
N PRO B 321 -0.58 8.18 -2.70
CA PRO B 321 -0.31 7.43 -3.93
C PRO B 321 -0.23 5.93 -3.72
CA CA C . -4.93 -7.50 -29.60
C1 GOL D . -4.60 6.59 -19.36
O1 GOL D . -5.16 7.10 -18.16
C2 GOL D . -3.07 6.80 -19.25
O2 GOL D . -2.53 6.06 -18.19
C3 GOL D . -2.52 6.37 -20.61
O3 GOL D . -1.12 6.41 -20.53
H11 GOL D . -4.93 7.04 -20.15
H12 GOL D . -4.78 5.65 -19.49
HO1 GOL D . -5.52 6.44 -17.76
H2 GOL D . -2.85 7.72 -19.06
HO2 GOL D . -2.14 6.61 -17.67
H31 GOL D . -2.89 6.96 -21.30
H32 GOL D . -2.87 5.49 -20.84
HO3 GOL D . -0.93 6.68 -19.74
CA CA E . -10.39 12.85 25.99
C1 GOL F . -14.45 0.02 15.19
O1 GOL F . -14.57 0.03 13.79
C2 GOL F . -13.30 -0.94 15.53
O2 GOL F . -12.09 -0.46 15.10
C3 GOL F . -13.39 -1.08 17.05
O3 GOL F . -12.24 -1.77 17.47
H11 GOL F . -15.27 -0.28 15.63
H12 GOL F . -14.26 0.90 15.55
H2 GOL F . -13.39 -1.80 15.11
HO2 GOL F . -11.50 -0.61 15.70
H31 GOL F . -14.21 -1.55 17.29
H32 GOL F . -13.47 -0.20 17.45
HO3 GOL F . -12.25 -1.79 18.32
#